data_1JYF
#
_entry.id   1JYF
#
_cell.length_a   91.700
_cell.length_b   91.700
_cell.length_c   222.300
_cell.angle_alpha   90.00
_cell.angle_beta   90.00
_cell.angle_gamma   90.00
#
_symmetry.space_group_name_H-M   'I 41 2 2'
#
loop_
_entity.id
_entity.type
_entity.pdbx_description
1 polymer 'Lactose Operon Repressor'
2 non-polymer GLYCEROL
3 water water
#
_entity_poly.entity_id   1
_entity_poly.type   'polypeptide(L)'
_entity_poly.pdbx_seq_one_letter_code
;MKPVTLYDVAEYAGVSYQTVSRVVNQASHVSAKTREKVEAAMAELNYIPNRVAQQLAGKQSLLIGVATSSLALHAPSQIV
AAIKSRADQLGASVVVSMVERSGVEACKTAVHNLLAQRVSGLIINYPLDDQDAIAVEAACTNVPALFLDVSDQTPINSII
FSHEDGTRLGVEHLVALGHQQIALLAGPLSSVSARLRLAGWHKYLTRNQIQPIAEREGDWSAMSGFQQTMQMLNEGIVPT
AMLVANDQMALGAMRAITESGLRVGADISVVGYDDTEDSSCYIPPLTTIKQDFRLLGQTSVDRLLQLSQGQAVKGNQLLP
VSLVKRKTTLAPNTQTASPRALADSLMQL
;
_entity_poly.pdbx_strand_id   A
#
loop_
_chem_comp.id
_chem_comp.type
_chem_comp.name
_chem_comp.formula
GOL non-polymer GLYCEROL 'C3 H8 O3'
#
# COMPACT_ATOMS: atom_id res chain seq x y z
N LEU A 62 15.35 -20.22 -11.79
CA LEU A 62 15.66 -19.02 -12.62
C LEU A 62 14.41 -18.37 -13.21
N LEU A 63 13.28 -19.08 -13.24
CA LEU A 63 12.05 -18.51 -13.76
C LEU A 63 11.02 -18.30 -12.65
N ILE A 64 10.87 -17.06 -12.20
CA ILE A 64 9.90 -16.77 -11.12
C ILE A 64 8.51 -16.42 -11.66
N GLY A 65 7.51 -16.64 -10.82
CA GLY A 65 6.14 -16.36 -11.21
C GLY A 65 5.42 -15.44 -10.22
N VAL A 66 4.96 -14.30 -10.74
CA VAL A 66 4.26 -13.32 -9.92
C VAL A 66 2.75 -13.31 -10.17
N ALA A 67 1.96 -13.46 -9.13
CA ALA A 67 0.51 -13.40 -9.25
C ALA A 67 0.16 -12.07 -8.59
N THR A 68 -0.21 -11.08 -9.40
CA THR A 68 -0.51 -9.76 -8.88
C THR A 68 -1.95 -9.30 -9.11
N SER A 69 -2.25 -8.07 -8.67
CA SER A 69 -3.56 -7.46 -8.84
C SER A 69 -3.46 -6.63 -10.10
N SER A 70 -4.59 -6.27 -10.69
CA SER A 70 -4.56 -5.48 -11.92
C SER A 70 -3.60 -4.30 -11.86
N LEU A 71 -2.76 -4.23 -12.89
CA LEU A 71 -1.78 -3.18 -13.00
C LEU A 71 -2.41 -1.82 -13.08
N ALA A 72 -3.73 -1.79 -13.13
CA ALA A 72 -4.46 -0.53 -13.19
C ALA A 72 -3.95 0.45 -12.12
N LEU A 73 -3.45 -0.10 -11.01
CA LEU A 73 -2.94 0.72 -9.93
C LEU A 73 -1.42 0.91 -10.03
N HIS A 74 -0.97 2.14 -9.85
CA HIS A 74 0.44 2.45 -9.93
C HIS A 74 1.35 1.62 -9.02
N ALA A 75 0.87 1.32 -7.82
CA ALA A 75 1.66 0.54 -6.87
C ALA A 75 2.03 -0.88 -7.34
N PRO A 76 1.04 -1.74 -7.61
CA PRO A 76 1.39 -3.08 -8.06
C PRO A 76 2.30 -3.05 -9.27
N SER A 77 2.01 -2.16 -10.20
CA SER A 77 2.82 -2.02 -11.40
C SER A 77 4.29 -1.84 -11.06
N GLN A 78 4.60 -0.70 -10.44
CA GLN A 78 5.97 -0.39 -10.04
C GLN A 78 6.66 -1.55 -9.34
N ILE A 79 5.88 -2.34 -8.59
CA ILE A 79 6.44 -3.49 -7.87
C ILE A 79 6.87 -4.57 -8.85
N VAL A 80 6.01 -4.88 -9.82
CA VAL A 80 6.33 -5.89 -10.82
C VAL A 80 7.56 -5.43 -11.61
N ALA A 81 7.65 -4.12 -11.82
CA ALA A 81 8.77 -3.53 -12.53
C ALA A 81 10.02 -3.73 -11.67
N ALA A 82 9.89 -3.50 -10.37
CA ALA A 82 11.00 -3.66 -9.45
C ALA A 82 11.44 -5.12 -9.43
N ILE A 83 10.48 -6.03 -9.42
CA ILE A 83 10.79 -7.45 -9.41
C ILE A 83 11.51 -7.83 -10.69
N LYS A 84 11.03 -7.34 -11.81
CA LYS A 84 11.65 -7.63 -13.10
C LYS A 84 13.09 -7.14 -13.07
N SER A 85 13.27 -5.93 -12.55
CA SER A 85 14.58 -5.30 -12.45
C SER A 85 15.60 -6.17 -11.71
N ARG A 86 15.25 -6.68 -10.54
CA ARG A 86 16.16 -7.53 -9.80
C ARG A 86 16.41 -8.84 -10.53
N ALA A 87 15.33 -9.45 -11.02
CA ALA A 87 15.40 -10.70 -11.76
C ALA A 87 16.42 -10.57 -12.89
N ASP A 88 16.46 -9.40 -13.51
CA ASP A 88 17.39 -9.14 -14.60
C ASP A 88 18.81 -9.16 -14.05
N GLN A 89 19.01 -8.48 -12.94
CA GLN A 89 20.32 -8.42 -12.30
C GLN A 89 20.84 -9.79 -11.92
N LEU A 90 19.94 -10.70 -11.58
CA LEU A 90 20.32 -12.05 -11.19
C LEU A 90 20.22 -13.01 -12.37
N GLY A 91 19.94 -12.46 -13.55
CA GLY A 91 19.82 -13.27 -14.75
C GLY A 91 18.68 -14.26 -14.64
N ALA A 92 17.49 -13.78 -14.27
CA ALA A 92 16.33 -14.63 -14.14
C ALA A 92 15.17 -14.10 -14.98
N SER A 93 14.16 -14.95 -15.18
CA SER A 93 12.97 -14.62 -15.96
C SER A 93 11.75 -14.35 -15.06
N VAL A 94 10.82 -13.53 -15.54
CA VAL A 94 9.62 -13.19 -14.76
C VAL A 94 8.31 -13.38 -15.54
N VAL A 95 7.53 -14.40 -15.18
CA VAL A 95 6.24 -14.68 -15.84
C VAL A 95 5.13 -14.08 -14.97
N VAL A 96 4.51 -13.00 -15.43
CA VAL A 96 3.47 -12.36 -14.64
C VAL A 96 2.04 -12.81 -14.97
N SER A 97 1.31 -13.24 -13.94
CA SER A 97 -0.08 -13.66 -14.08
C SER A 97 -0.92 -12.65 -13.29
N MET A 98 -2.17 -12.42 -13.70
CA MET A 98 -3.03 -11.45 -13.02
C MET A 98 -4.32 -12.04 -12.44
N VAL A 99 -4.75 -11.46 -11.32
CA VAL A 99 -5.96 -11.92 -10.63
C VAL A 99 -7.16 -11.04 -11.00
N GLU A 100 -8.26 -11.70 -11.38
CA GLU A 100 -9.49 -11.00 -11.79
C GLU A 100 -10.09 -10.16 -10.67
N ARG A 101 -9.23 -9.59 -9.84
CA ARG A 101 -9.60 -8.75 -8.71
C ARG A 101 -10.02 -9.60 -7.52
N SER A 102 -11.05 -9.13 -6.82
CA SER A 102 -11.61 -9.77 -5.62
C SER A 102 -11.86 -11.27 -5.69
N GLY A 103 -11.55 -11.95 -4.58
CA GLY A 103 -11.75 -13.37 -4.48
C GLY A 103 -10.49 -14.20 -4.28
N VAL A 104 -10.47 -15.00 -3.21
CA VAL A 104 -9.34 -15.88 -2.93
C VAL A 104 -9.26 -16.88 -4.07
N GLU A 105 -10.44 -17.24 -4.58
CA GLU A 105 -10.56 -18.17 -5.68
C GLU A 105 -9.79 -17.69 -6.89
N ALA A 106 -10.02 -16.44 -7.27
CA ALA A 106 -9.33 -15.85 -8.39
C ALA A 106 -7.83 -16.04 -8.21
N CYS A 107 -7.38 -15.90 -6.96
CA CYS A 107 -5.97 -16.04 -6.64
C CYS A 107 -5.52 -17.49 -6.85
N LYS A 108 -6.18 -18.42 -6.17
CA LYS A 108 -5.84 -19.85 -6.28
C LYS A 108 -5.62 -20.26 -7.74
N THR A 109 -6.49 -19.80 -8.62
CA THR A 109 -6.42 -20.13 -10.03
C THR A 109 -5.15 -19.59 -10.69
N ALA A 110 -4.76 -18.37 -10.35
CA ALA A 110 -3.55 -17.77 -10.93
C ALA A 110 -2.34 -18.61 -10.56
N VAL A 111 -2.42 -19.29 -9.42
CA VAL A 111 -1.33 -20.14 -8.97
C VAL A 111 -1.19 -21.25 -10.00
N HIS A 112 -2.33 -21.83 -10.38
CA HIS A 112 -2.37 -22.91 -11.37
C HIS A 112 -1.72 -22.48 -12.67
N ASN A 113 -2.07 -21.29 -13.15
CA ASN A 113 -1.51 -20.74 -14.39
C ASN A 113 0.01 -20.71 -14.31
N LEU A 114 0.54 -20.13 -13.24
CA LEU A 114 1.98 -20.00 -13.04
C LEU A 114 2.62 -21.35 -12.73
N LEU A 115 1.90 -22.23 -12.02
CA LEU A 115 2.41 -23.56 -11.69
C LEU A 115 2.55 -24.34 -12.98
N ALA A 116 1.55 -24.19 -13.85
CA ALA A 116 1.52 -24.84 -15.13
C ALA A 116 2.83 -24.47 -15.85
N GLN A 117 3.08 -23.17 -15.98
CA GLN A 117 4.28 -22.66 -16.65
C GLN A 117 5.57 -23.25 -16.08
N ARG A 118 5.45 -23.87 -14.92
CA ARG A 118 6.58 -24.50 -14.22
C ARG A 118 7.62 -23.50 -13.71
N VAL A 119 7.16 -22.48 -13.01
CA VAL A 119 8.06 -21.47 -12.46
C VAL A 119 8.72 -22.08 -11.24
N SER A 120 9.97 -21.70 -10.99
CA SER A 120 10.70 -22.23 -9.85
C SER A 120 10.56 -21.35 -8.60
N GLY A 121 9.47 -20.58 -8.56
CA GLY A 121 9.20 -19.70 -7.44
C GLY A 121 7.97 -18.85 -7.68
N LEU A 122 7.25 -18.51 -6.61
CA LEU A 122 6.04 -17.70 -6.72
C LEU A 122 5.99 -16.50 -5.78
N ILE A 123 5.84 -15.32 -6.34
CA ILE A 123 5.72 -14.11 -5.55
C ILE A 123 4.27 -13.68 -5.67
N ILE A 124 3.56 -13.68 -4.55
CA ILE A 124 2.13 -13.33 -4.54
C ILE A 124 1.81 -11.91 -4.05
N ASN A 125 1.69 -10.98 -4.99
CA ASN A 125 1.38 -9.59 -4.68
C ASN A 125 -0.11 -9.30 -4.81
N TYR A 126 -0.89 -9.97 -3.98
CA TYR A 126 -2.32 -9.82 -3.99
C TYR A 126 -2.80 -9.86 -2.54
N PRO A 127 -3.77 -9.01 -2.17
CA PRO A 127 -4.29 -8.97 -0.80
C PRO A 127 -4.97 -10.28 -0.39
N LEU A 128 -4.64 -10.76 0.80
CA LEU A 128 -5.23 -11.99 1.31
C LEU A 128 -5.42 -11.96 2.81
N ASP A 129 -6.58 -12.45 3.27
CA ASP A 129 -6.88 -12.49 4.70
C ASP A 129 -6.15 -13.67 5.32
N ASP A 130 -5.89 -13.59 6.61
CA ASP A 130 -5.17 -14.65 7.31
C ASP A 130 -5.51 -16.07 6.87
N GLN A 131 -6.80 -16.35 6.70
CA GLN A 131 -7.25 -17.69 6.31
C GLN A 131 -7.00 -17.98 4.84
N ASP A 132 -7.35 -17.02 3.98
CA ASP A 132 -7.17 -17.19 2.55
C ASP A 132 -5.70 -17.34 2.20
N ALA A 133 -4.85 -16.57 2.86
CA ALA A 133 -3.42 -16.64 2.59
C ALA A 133 -2.95 -18.06 2.85
N ILE A 134 -3.34 -18.59 4.00
CA ILE A 134 -2.96 -19.95 4.37
C ILE A 134 -3.36 -20.91 3.25
N ALA A 135 -4.61 -20.78 2.81
CA ALA A 135 -5.18 -21.60 1.75
C ALA A 135 -4.35 -21.51 0.46
N VAL A 136 -4.22 -20.30 -0.06
CA VAL A 136 -3.47 -20.07 -1.28
C VAL A 136 -2.13 -20.77 -1.24
N GLU A 137 -1.45 -20.69 -0.10
CA GLU A 137 -0.16 -21.36 0.01
C GLU A 137 -0.37 -22.85 -0.08
N ALA A 138 -1.38 -23.33 0.65
CA ALA A 138 -1.71 -24.74 0.67
C ALA A 138 -1.82 -25.27 -0.77
N ALA A 139 -2.63 -24.60 -1.57
CA ALA A 139 -2.85 -24.99 -2.96
C ALA A 139 -1.65 -24.63 -3.82
N CYS A 140 -0.71 -23.90 -3.24
CA CYS A 140 0.49 -23.52 -3.97
C CYS A 140 1.43 -24.71 -3.94
N THR A 141 0.84 -25.89 -3.85
CA THR A 141 1.53 -27.16 -3.80
C THR A 141 3.06 -27.10 -3.83
N ASN A 142 3.63 -26.91 -2.65
CA ASN A 142 5.08 -26.87 -2.47
C ASN A 142 5.87 -25.68 -3.01
N VAL A 143 6.03 -25.60 -4.34
CA VAL A 143 6.79 -24.49 -4.95
C VAL A 143 6.81 -23.28 -4.02
N PRO A 144 8.02 -22.75 -3.75
CA PRO A 144 8.16 -21.59 -2.87
C PRO A 144 7.11 -20.49 -3.08
N ALA A 145 6.46 -20.10 -1.99
CA ALA A 145 5.42 -19.06 -2.03
C ALA A 145 5.68 -17.93 -1.04
N LEU A 146 6.08 -16.79 -1.58
CA LEU A 146 6.37 -15.60 -0.78
C LEU A 146 5.28 -14.57 -1.03
N PHE A 147 4.48 -14.27 -0.01
CA PHE A 147 3.39 -13.29 -0.13
C PHE A 147 3.87 -11.87 0.13
N LEU A 148 3.25 -10.91 -0.53
CA LEU A 148 3.66 -9.52 -0.35
C LEU A 148 2.54 -8.60 0.11
N ASP A 149 1.32 -9.11 0.19
CA ASP A 149 0.19 -8.30 0.62
C ASP A 149 -0.71 -9.04 1.59
N VAL A 150 -0.17 -9.31 2.77
CA VAL A 150 -0.89 -10.00 3.84
C VAL A 150 -0.48 -9.33 5.12
N SER A 151 -0.95 -9.86 6.24
CA SER A 151 -0.61 -9.32 7.55
C SER A 151 0.65 -9.98 8.07
N ASP A 152 1.43 -9.23 8.85
CA ASP A 152 2.66 -9.77 9.40
C ASP A 152 2.40 -10.89 10.39
N GLN A 153 1.13 -11.08 10.74
CA GLN A 153 0.75 -12.12 11.69
C GLN A 153 0.48 -13.46 11.01
N THR A 154 0.04 -13.43 9.76
CA THR A 154 -0.25 -14.68 9.04
C THR A 154 0.99 -15.57 9.00
N PRO A 155 0.84 -16.84 9.39
CA PRO A 155 1.91 -17.82 9.42
C PRO A 155 2.39 -18.35 8.08
N ILE A 156 2.97 -17.48 7.26
CA ILE A 156 3.49 -17.88 5.94
C ILE A 156 4.67 -16.99 5.58
N ASN A 157 5.39 -17.37 4.52
CA ASN A 157 6.56 -16.59 4.09
C ASN A 157 6.11 -15.27 3.48
N SER A 158 6.38 -14.17 4.16
CA SER A 158 5.94 -12.89 3.62
C SER A 158 6.94 -11.77 3.80
N ILE A 159 6.73 -10.71 3.02
CA ILE A 159 7.55 -9.51 3.09
C ILE A 159 6.58 -8.35 2.90
N ILE A 160 6.54 -7.43 3.85
CA ILE A 160 5.65 -6.29 3.74
C ILE A 160 6.27 -5.06 4.39
N PHE A 161 5.70 -3.91 4.11
CA PHE A 161 6.21 -2.69 4.71
C PHE A 161 5.57 -2.53 6.06
N SER A 162 6.28 -1.93 6.99
CA SER A 162 5.73 -1.77 8.32
C SER A 162 4.57 -0.78 8.34
N HIS A 163 3.35 -1.29 8.33
CA HIS A 163 2.18 -0.43 8.38
C HIS A 163 2.24 0.34 9.69
N GLU A 164 2.79 -0.30 10.72
CA GLU A 164 2.90 0.31 12.04
C GLU A 164 3.68 1.62 12.02
N ASP A 165 4.81 1.64 11.31
CA ASP A 165 5.60 2.85 11.24
C ASP A 165 5.02 3.84 10.26
N GLY A 166 4.58 3.34 9.11
CA GLY A 166 4.00 4.20 8.10
C GLY A 166 2.89 5.04 8.65
N THR A 167 2.08 4.45 9.53
CA THR A 167 0.96 5.16 10.13
C THR A 167 1.38 6.08 11.28
N ARG A 168 2.33 5.64 12.11
CA ARG A 168 2.79 6.49 13.20
C ARG A 168 3.43 7.77 12.63
N LEU A 169 4.20 7.61 11.55
CA LEU A 169 4.87 8.73 10.90
C LEU A 169 3.92 9.82 10.44
N GLY A 170 2.84 9.43 9.77
CA GLY A 170 1.88 10.40 9.28
C GLY A 170 1.15 11.09 10.42
N VAL A 171 0.75 10.30 11.41
CA VAL A 171 0.05 10.85 12.55
C VAL A 171 0.96 11.80 13.32
N GLU A 172 2.21 11.41 13.52
CA GLU A 172 3.11 12.29 14.26
C GLU A 172 3.51 13.53 13.48
N HIS A 173 3.67 13.40 12.17
CA HIS A 173 4.04 14.54 11.34
C HIS A 173 2.95 15.60 11.46
N LEU A 174 1.71 15.16 11.31
CA LEU A 174 0.57 16.05 11.41
C LEU A 174 0.44 16.62 12.83
N VAL A 175 0.69 15.77 13.82
CA VAL A 175 0.58 16.22 15.20
C VAL A 175 1.62 17.27 15.53
N ALA A 176 2.89 16.96 15.30
CA ALA A 176 3.98 17.90 15.59
C ALA A 176 3.75 19.24 14.87
N LEU A 177 3.14 19.19 13.70
CA LEU A 177 2.85 20.41 12.95
C LEU A 177 1.76 21.17 13.66
N GLY A 178 1.27 20.59 14.76
CA GLY A 178 0.23 21.22 15.54
C GLY A 178 -1.19 21.01 15.02
N HIS A 179 -1.44 19.89 14.35
CA HIS A 179 -2.78 19.63 13.84
C HIS A 179 -3.64 18.92 14.86
N GLN A 180 -4.95 19.14 14.78
CA GLN A 180 -5.88 18.47 15.68
C GLN A 180 -7.18 18.10 15.02
N GLN A 181 -7.61 18.89 14.04
CA GLN A 181 -8.83 18.53 13.31
C GLN A 181 -8.34 17.64 12.17
N ILE A 182 -8.37 16.34 12.37
CA ILE A 182 -7.89 15.40 11.37
C ILE A 182 -8.94 14.46 10.81
N ALA A 183 -8.91 14.26 9.49
CA ALA A 183 -9.86 13.36 8.84
C ALA A 183 -9.07 12.23 8.18
N LEU A 184 -9.70 11.06 8.07
CA LEU A 184 -9.05 9.90 7.48
C LEU A 184 -9.78 9.42 6.23
N LEU A 185 -9.02 9.11 5.19
CA LEU A 185 -9.59 8.60 3.93
C LEU A 185 -8.92 7.27 3.67
N ALA A 186 -9.57 6.21 4.09
CA ALA A 186 -9.01 4.89 3.94
C ALA A 186 -9.13 4.31 2.55
N GLY A 187 -8.50 3.17 2.36
CA GLY A 187 -8.57 2.46 1.09
C GLY A 187 -9.72 1.50 1.23
N PRO A 188 -10.07 0.72 0.20
CA PRO A 188 -11.19 -0.22 0.34
C PRO A 188 -10.91 -1.23 1.46
N LEU A 189 -11.78 -1.24 2.47
CA LEU A 189 -11.60 -2.13 3.61
C LEU A 189 -11.58 -3.63 3.32
N SER A 190 -11.86 -4.00 2.08
CA SER A 190 -11.80 -5.41 1.72
C SER A 190 -10.33 -5.78 1.56
N SER A 191 -9.49 -4.75 1.49
CA SER A 191 -8.05 -4.93 1.34
C SER A 191 -7.34 -5.00 2.69
N VAL A 192 -6.67 -6.11 2.94
CA VAL A 192 -5.93 -6.27 4.19
C VAL A 192 -5.00 -5.06 4.36
N SER A 193 -4.42 -4.59 3.26
CA SER A 193 -3.52 -3.43 3.31
C SER A 193 -4.28 -2.22 3.84
N ALA A 194 -5.38 -1.90 3.18
CA ALA A 194 -6.20 -0.76 3.57
C ALA A 194 -6.53 -0.84 5.05
N ARG A 195 -6.89 -2.04 5.51
CA ARG A 195 -7.23 -2.26 6.91
C ARG A 195 -6.09 -1.99 7.88
N LEU A 196 -4.98 -2.71 7.73
CA LEU A 196 -3.83 -2.52 8.61
C LEU A 196 -3.53 -1.05 8.72
N ARG A 197 -3.71 -0.35 7.60
CA ARG A 197 -3.45 1.08 7.50
C ARG A 197 -4.47 1.92 8.27
N LEU A 198 -5.75 1.60 8.15
CA LEU A 198 -6.78 2.36 8.86
C LEU A 198 -6.65 2.16 10.37
N ALA A 199 -6.51 0.92 10.80
CA ALA A 199 -6.40 0.62 12.23
C ALA A 199 -5.13 1.29 12.77
N GLY A 200 -4.11 1.38 11.93
CA GLY A 200 -2.87 2.01 12.34
C GLY A 200 -3.09 3.47 12.67
N TRP A 201 -3.80 4.18 11.80
CA TRP A 201 -4.04 5.59 12.03
C TRP A 201 -4.72 5.78 13.37
N HIS A 202 -5.83 5.07 13.57
CA HIS A 202 -6.56 5.17 14.81
C HIS A 202 -5.65 4.91 16.01
N LYS A 203 -4.82 3.87 15.93
CA LYS A 203 -3.93 3.57 17.04
C LYS A 203 -3.09 4.75 17.49
N TYR A 204 -2.36 5.37 16.55
CA TYR A 204 -1.51 6.48 16.90
C TYR A 204 -2.24 7.76 17.19
N LEU A 205 -3.41 7.94 16.59
CA LEU A 205 -4.18 9.13 16.87
C LEU A 205 -4.66 9.02 18.31
N THR A 206 -5.02 7.80 18.73
CA THR A 206 -5.47 7.57 20.09
C THR A 206 -4.32 7.84 21.06
N ARG A 207 -3.14 7.32 20.76
CA ARG A 207 -1.99 7.54 21.63
C ARG A 207 -1.73 9.03 21.78
N ASN A 208 -2.02 9.79 20.73
CA ASN A 208 -1.82 11.22 20.79
C ASN A 208 -3.08 11.92 21.25
N GLN A 209 -3.99 11.12 21.80
CA GLN A 209 -5.25 11.63 22.32
C GLN A 209 -6.02 12.52 21.35
N ILE A 210 -6.27 12.02 20.14
CA ILE A 210 -7.02 12.78 19.15
C ILE A 210 -7.98 11.86 18.41
N GLN A 211 -9.24 12.24 18.31
CA GLN A 211 -10.17 11.43 17.56
C GLN A 211 -10.39 12.18 16.24
N PRO A 212 -10.26 11.48 15.10
CA PRO A 212 -10.46 12.16 13.82
C PRO A 212 -11.84 12.77 13.77
N ILE A 213 -11.98 13.92 13.11
CA ILE A 213 -13.28 14.54 13.04
C ILE A 213 -14.14 13.93 11.95
N ALA A 214 -13.65 12.86 11.33
CA ALA A 214 -14.38 12.19 10.26
C ALA A 214 -13.47 11.20 9.58
N GLU A 215 -14.03 10.08 9.14
CA GLU A 215 -13.23 9.10 8.43
C GLU A 215 -14.03 8.48 7.29
N ARG A 216 -13.39 8.24 6.16
CA ARG A 216 -14.08 7.67 5.01
C ARG A 216 -13.34 6.54 4.31
N GLU A 217 -14.02 5.96 3.33
CA GLU A 217 -13.44 4.85 2.59
C GLU A 217 -13.52 5.05 1.08
N GLY A 218 -12.39 4.86 0.41
CA GLY A 218 -12.32 5.01 -1.02
C GLY A 218 -11.97 3.67 -1.63
N ASP A 219 -11.41 3.66 -2.83
CA ASP A 219 -11.03 2.41 -3.48
C ASP A 219 -9.68 2.46 -4.19
N TRP A 220 -8.78 3.30 -3.70
CA TRP A 220 -7.44 3.41 -4.28
C TRP A 220 -7.41 4.34 -5.48
N SER A 221 -8.57 4.56 -6.11
CA SER A 221 -8.62 5.43 -7.27
C SER A 221 -8.57 6.89 -6.81
N ALA A 222 -8.26 7.78 -7.73
CA ALA A 222 -8.20 9.19 -7.40
C ALA A 222 -9.62 9.73 -7.43
N MET A 223 -10.45 9.17 -8.30
CA MET A 223 -11.82 9.62 -8.39
C MET A 223 -12.49 9.37 -7.03
N SER A 224 -12.21 8.23 -6.43
CA SER A 224 -12.82 7.92 -5.13
C SER A 224 -12.31 8.91 -4.10
N GLY A 225 -11.03 9.28 -4.21
CA GLY A 225 -10.47 10.23 -3.28
C GLY A 225 -11.16 11.57 -3.46
N PHE A 226 -11.51 11.87 -4.71
CA PHE A 226 -12.17 13.13 -5.04
C PHE A 226 -13.60 13.17 -4.54
N GLN A 227 -14.34 12.09 -4.76
CA GLN A 227 -15.71 12.05 -4.32
C GLN A 227 -15.84 12.05 -2.82
N GLN A 228 -15.02 11.24 -2.15
CA GLN A 228 -15.07 11.19 -0.69
C GLN A 228 -14.76 12.56 -0.10
N THR A 229 -13.62 13.13 -0.47
CA THR A 229 -13.23 14.42 0.08
C THR A 229 -14.25 15.50 -0.19
N MET A 230 -14.94 15.42 -1.31
CA MET A 230 -15.93 16.45 -1.61
C MET A 230 -17.19 16.19 -0.80
N GLN A 231 -17.66 14.95 -0.76
CA GLN A 231 -18.85 14.66 0.03
C GLN A 231 -18.59 15.24 1.41
N MET A 232 -17.42 14.92 1.96
CA MET A 232 -17.06 15.41 3.28
C MET A 232 -17.20 16.92 3.40
N LEU A 233 -16.50 17.66 2.54
CA LEU A 233 -16.57 19.11 2.59
C LEU A 233 -18.00 19.62 2.42
N ASN A 234 -18.80 18.92 1.61
CA ASN A 234 -20.18 19.32 1.39
C ASN A 234 -21.00 19.19 2.66
N GLU A 235 -20.67 18.18 3.48
CA GLU A 235 -21.36 17.95 4.74
C GLU A 235 -21.00 19.02 5.73
N GLY A 236 -20.01 19.84 5.41
CA GLY A 236 -19.63 20.88 6.33
C GLY A 236 -18.44 20.51 7.19
N ILE A 237 -17.97 19.26 7.09
CA ILE A 237 -16.83 18.83 7.87
C ILE A 237 -15.56 19.37 7.21
N VAL A 238 -14.82 20.20 7.93
CA VAL A 238 -13.62 20.81 7.38
C VAL A 238 -12.41 20.63 8.28
N PRO A 239 -11.55 19.65 7.98
CA PRO A 239 -10.36 19.39 8.78
C PRO A 239 -9.21 20.31 8.42
N THR A 240 -8.15 20.30 9.22
CA THR A 240 -6.98 21.12 8.92
C THR A 240 -5.95 20.20 8.28
N ALA A 241 -6.24 18.90 8.31
CA ALA A 241 -5.36 17.92 7.72
C ALA A 241 -6.09 16.62 7.45
N MET A 242 -5.58 15.86 6.49
CA MET A 242 -6.15 14.57 6.11
C MET A 242 -5.05 13.54 5.98
N LEU A 243 -5.38 12.30 6.30
CA LEU A 243 -4.45 11.17 6.16
C LEU A 243 -5.09 10.26 5.11
N VAL A 244 -4.45 10.11 3.95
CA VAL A 244 -5.02 9.29 2.90
C VAL A 244 -4.27 7.96 2.70
N ALA A 245 -5.04 6.90 2.43
CA ALA A 245 -4.50 5.56 2.25
C ALA A 245 -3.54 5.36 1.09
N ASN A 246 -3.48 6.31 0.17
CA ASN A 246 -2.55 6.18 -0.95
C ASN A 246 -2.45 7.47 -1.77
N ASP A 247 -1.35 7.62 -2.49
CA ASP A 247 -1.12 8.83 -3.28
C ASP A 247 -2.14 9.13 -4.35
N GLN A 248 -2.65 8.11 -5.03
CA GLN A 248 -3.64 8.38 -6.06
C GLN A 248 -4.85 9.04 -5.40
N MET A 249 -5.44 8.38 -4.40
CA MET A 249 -6.59 8.98 -3.73
C MET A 249 -6.22 10.33 -3.18
N ALA A 250 -5.00 10.44 -2.64
CA ALA A 250 -4.51 11.69 -2.09
C ALA A 250 -4.64 12.77 -3.16
N LEU A 251 -4.35 12.38 -4.40
CA LEU A 251 -4.43 13.31 -5.53
C LEU A 251 -5.87 13.77 -5.73
N GLY A 252 -6.81 12.84 -5.58
CA GLY A 252 -8.21 13.16 -5.74
C GLY A 252 -8.63 14.11 -4.64
N ALA A 253 -8.22 13.79 -3.43
CA ALA A 253 -8.54 14.63 -2.29
C ALA A 253 -8.10 16.06 -2.60
N MET A 254 -6.85 16.22 -2.98
CA MET A 254 -6.34 17.55 -3.28
C MET A 254 -7.16 18.32 -4.29
N ARG A 255 -7.78 17.63 -5.24
CA ARG A 255 -8.56 18.36 -6.22
C ARG A 255 -9.84 18.92 -5.60
N ALA A 256 -10.53 18.08 -4.82
CA ALA A 256 -11.77 18.52 -4.16
C ALA A 256 -11.46 19.73 -3.27
N ILE A 257 -10.37 19.65 -2.53
CA ILE A 257 -9.99 20.73 -1.65
C ILE A 257 -9.83 22.03 -2.44
N THR A 258 -9.04 21.96 -3.50
CA THR A 258 -8.79 23.12 -4.34
C THR A 258 -10.09 23.68 -4.89
N GLU A 259 -10.90 22.81 -5.48
CA GLU A 259 -12.18 23.25 -6.04
C GLU A 259 -13.18 23.71 -4.97
N SER A 260 -12.73 23.73 -3.71
CA SER A 260 -13.53 24.18 -2.59
C SER A 260 -12.92 25.48 -2.12
N GLY A 261 -12.29 26.19 -3.05
CA GLY A 261 -11.66 27.45 -2.73
C GLY A 261 -10.67 27.34 -1.59
N LEU A 262 -10.28 26.12 -1.26
CA LEU A 262 -9.34 25.93 -0.16
C LEU A 262 -7.97 25.54 -0.67
N ARG A 263 -6.93 26.07 -0.04
CA ARG A 263 -5.56 25.79 -0.43
C ARG A 263 -5.03 24.53 0.19
N VAL A 264 -4.57 23.59 -0.64
CA VAL A 264 -4.01 22.35 -0.12
C VAL A 264 -2.73 22.77 0.61
N GLY A 265 -2.63 22.39 1.87
CA GLY A 265 -1.45 22.73 2.65
C GLY A 265 -1.73 23.89 3.59
N ALA A 266 -2.00 25.05 3.03
CA ALA A 266 -2.27 26.24 3.83
C ALA A 266 -3.57 26.10 4.62
N ASP A 267 -4.57 25.49 4.00
CA ASP A 267 -5.86 25.30 4.67
C ASP A 267 -6.04 23.86 5.13
N ILE A 268 -5.91 22.92 4.21
CA ILE A 268 -6.06 21.50 4.54
C ILE A 268 -4.80 20.73 4.15
N SER A 269 -3.93 20.44 5.11
CA SER A 269 -2.72 19.67 4.84
C SER A 269 -3.18 18.27 4.42
N VAL A 270 -2.39 17.61 3.58
CA VAL A 270 -2.74 16.27 3.09
C VAL A 270 -1.52 15.36 3.12
N VAL A 271 -1.69 14.13 3.59
CA VAL A 271 -0.55 13.20 3.61
C VAL A 271 -0.91 11.92 2.89
N GLY A 272 -0.23 11.67 1.78
CA GLY A 272 -0.49 10.48 0.98
C GLY A 272 0.20 9.23 1.51
N TYR A 273 0.27 8.20 0.67
CA TYR A 273 0.89 6.95 1.05
C TYR A 273 1.39 6.22 -0.19
N ASP A 274 2.64 5.77 -0.13
CA ASP A 274 3.35 5.02 -1.20
C ASP A 274 4.55 5.75 -1.74
N ASP A 275 4.29 6.96 -2.24
CA ASP A 275 5.27 7.81 -2.91
C ASP A 275 5.46 7.22 -4.30
N THR A 276 4.36 7.10 -5.04
CA THR A 276 4.41 6.57 -6.39
C THR A 276 5.19 7.58 -7.21
N GLU A 277 5.50 7.25 -8.45
CA GLU A 277 6.29 8.15 -9.25
C GLU A 277 5.75 9.57 -9.35
N ASP A 278 4.55 9.72 -9.89
CA ASP A 278 3.90 11.02 -10.10
C ASP A 278 3.73 11.95 -8.90
N SER A 279 3.58 11.38 -7.71
CA SER A 279 3.36 12.18 -6.50
C SER A 279 4.26 13.41 -6.30
N SER A 280 5.50 13.35 -6.76
CA SER A 280 6.39 14.50 -6.58
C SER A 280 6.08 15.67 -7.51
N CYS A 281 5.10 15.49 -8.38
CA CYS A 281 4.73 16.55 -9.31
C CYS A 281 3.24 16.86 -9.23
N TYR A 282 2.63 16.53 -8.10
CA TYR A 282 1.22 16.85 -7.92
C TYR A 282 1.23 18.34 -7.60
N ILE A 283 0.07 18.96 -7.47
CA ILE A 283 0.08 20.38 -7.15
C ILE A 283 -0.69 20.72 -5.88
N PRO A 284 0.03 21.05 -4.81
CA PRO A 284 1.49 21.09 -4.74
C PRO A 284 2.09 19.71 -4.50
N PRO A 285 3.43 19.59 -4.62
CA PRO A 285 4.07 18.29 -4.41
C PRO A 285 3.58 17.63 -3.11
N LEU A 286 3.15 16.38 -3.21
CA LEU A 286 2.59 15.64 -2.08
C LEU A 286 3.53 15.03 -1.04
N THR A 287 3.25 15.32 0.23
CA THR A 287 4.02 14.76 1.34
C THR A 287 3.43 13.37 1.52
N THR A 288 4.27 12.35 1.64
CA THR A 288 3.72 11.01 1.76
C THR A 288 4.66 10.02 2.40
N ILE A 289 4.13 8.85 2.75
CA ILE A 289 4.92 7.81 3.37
C ILE A 289 5.51 7.00 2.25
N LYS A 290 6.82 6.95 2.18
CA LYS A 290 7.49 6.22 1.12
C LYS A 290 7.53 4.72 1.34
N GLN A 291 7.15 3.98 0.31
CA GLN A 291 7.18 2.53 0.32
C GLN A 291 8.05 2.09 -0.86
N ASP A 292 9.34 2.00 -0.62
CA ASP A 292 10.30 1.62 -1.64
C ASP A 292 10.07 0.28 -2.32
N PHE A 293 9.20 0.29 -3.33
CA PHE A 293 8.86 -0.91 -4.11
C PHE A 293 10.12 -1.44 -4.78
N ARG A 294 11.04 -0.53 -5.06
CA ARG A 294 12.29 -0.92 -5.68
C ARG A 294 12.92 -1.92 -4.69
N LEU A 295 13.03 -1.49 -3.44
CA LEU A 295 13.58 -2.33 -2.40
C LEU A 295 12.76 -3.60 -2.27
N LEU A 296 11.44 -3.46 -2.23
CA LEU A 296 10.58 -4.63 -2.10
C LEU A 296 10.83 -5.57 -3.25
N GLY A 297 10.90 -5.00 -4.45
CA GLY A 297 11.13 -5.81 -5.63
C GLY A 297 12.37 -6.66 -5.47
N GLN A 298 13.49 -6.00 -5.16
CA GLN A 298 14.74 -6.69 -4.97
C GLN A 298 14.64 -7.79 -3.91
N THR A 299 14.36 -7.39 -2.68
CA THR A 299 14.25 -8.32 -1.58
C THR A 299 13.34 -9.52 -1.84
N SER A 300 12.14 -9.28 -2.36
CA SER A 300 11.23 -10.39 -2.62
C SER A 300 11.83 -11.34 -3.64
N VAL A 301 12.62 -10.80 -4.56
CA VAL A 301 13.25 -11.62 -5.58
C VAL A 301 14.33 -12.48 -4.95
N ASP A 302 15.29 -11.82 -4.32
CA ASP A 302 16.41 -12.47 -3.65
C ASP A 302 15.97 -13.59 -2.71
N ARG A 303 14.99 -13.30 -1.85
CA ARG A 303 14.56 -14.29 -0.88
C ARG A 303 13.93 -15.50 -1.56
N LEU A 304 13.22 -15.27 -2.66
CA LEU A 304 12.59 -16.37 -3.35
C LEU A 304 13.67 -17.33 -3.85
N LEU A 305 14.67 -16.78 -4.54
CA LEU A 305 15.73 -17.61 -5.07
C LEU A 305 16.36 -18.43 -3.95
N GLN A 306 16.46 -17.84 -2.76
CA GLN A 306 17.03 -18.54 -1.61
C GLN A 306 16.09 -19.62 -1.07
N LEU A 307 14.80 -19.29 -1.00
CA LEU A 307 13.83 -20.24 -0.49
C LEU A 307 13.85 -21.51 -1.30
N SER A 308 14.05 -21.37 -2.61
CA SER A 308 14.08 -22.52 -3.52
C SER A 308 15.28 -23.41 -3.26
N GLN A 309 16.31 -22.83 -2.66
CA GLN A 309 17.53 -23.56 -2.33
C GLN A 309 17.56 -23.89 -0.84
N GLY A 310 16.38 -24.01 -0.23
CA GLY A 310 16.28 -24.31 1.18
C GLY A 310 17.40 -23.71 2.02
N GLN A 311 17.59 -22.41 1.90
CA GLN A 311 18.63 -21.75 2.66
C GLN A 311 18.15 -20.34 3.02
N ALA A 312 16.86 -20.24 3.34
CA ALA A 312 16.28 -18.95 3.68
C ALA A 312 15.34 -18.97 4.89
N VAL A 313 15.14 -17.78 5.45
CA VAL A 313 14.26 -17.56 6.59
C VAL A 313 12.82 -17.93 6.20
N LYS A 314 12.17 -18.79 6.98
CA LYS A 314 10.81 -19.17 6.63
C LYS A 314 9.71 -18.48 7.43
N GLY A 315 9.87 -17.18 7.66
CA GLY A 315 8.85 -16.44 8.39
C GLY A 315 8.39 -15.18 7.68
N ASN A 316 8.19 -14.11 8.44
CA ASN A 316 7.77 -12.84 7.87
C ASN A 316 8.85 -11.78 8.03
N GLN A 317 9.02 -10.96 6.98
CA GLN A 317 10.00 -9.89 6.97
C GLN A 317 9.22 -8.59 6.97
N LEU A 318 9.81 -7.53 7.51
CA LEU A 318 9.16 -6.23 7.52
C LEU A 318 10.13 -5.21 6.99
N LEU A 319 9.80 -4.63 5.84
CA LEU A 319 10.63 -3.61 5.21
C LEU A 319 10.33 -2.27 5.87
N PRO A 320 11.35 -1.42 6.04
CA PRO A 320 11.15 -0.11 6.66
C PRO A 320 10.39 0.84 5.74
N VAL A 321 10.00 2.00 6.27
CA VAL A 321 9.31 3.00 5.46
C VAL A 321 9.78 4.37 5.93
N SER A 322 9.33 5.42 5.27
CA SER A 322 9.78 6.75 5.68
C SER A 322 8.86 7.86 5.19
N LEU A 323 8.99 9.00 5.86
CA LEU A 323 8.21 10.19 5.57
C LEU A 323 8.95 11.05 4.57
N VAL A 324 8.24 11.50 3.54
CA VAL A 324 8.83 12.36 2.53
C VAL A 324 8.10 13.69 2.62
N LYS A 325 8.73 14.66 3.27
CA LYS A 325 8.15 15.99 3.45
C LYS A 325 8.19 16.81 2.16
N ARG A 326 7.03 17.25 1.70
CA ARG A 326 6.97 18.05 0.49
C ARG A 326 6.21 19.36 0.70
N LYS A 327 5.27 19.67 -0.18
CA LYS A 327 4.55 20.92 -0.06
C LYS A 327 3.07 20.83 0.28
N THR A 328 2.65 19.76 0.94
CA THR A 328 1.23 19.63 1.27
C THR A 328 0.93 19.59 2.77
N THR A 329 1.97 19.69 3.58
CA THR A 329 1.78 19.69 5.03
C THR A 329 2.30 20.99 5.64
N LEU A 330 1.48 21.61 6.46
CA LEU A 330 1.83 22.87 7.10
C LEU A 330 1.05 22.96 8.41
N ALA A 331 1.38 23.95 9.23
CA ALA A 331 0.68 24.14 10.50
C ALA A 331 -0.74 24.64 10.23
N PRO A 332 -1.66 24.36 11.15
CA PRO A 332 -3.04 24.80 10.95
C PRO A 332 -3.09 26.32 10.97
N ASN A 333 -4.19 26.89 10.50
CA ASN A 333 -4.33 28.33 10.49
C ASN A 333 -5.15 28.83 11.69
C1 GOL B . -1.94 0.70 -2.74
O1 GOL B . -1.70 1.94 -3.39
C2 GOL B . -0.73 0.30 -1.91
O2 GOL B . -0.45 1.32 -0.96
C3 GOL B . -1.00 -1.03 -1.17
O3 GOL B . 0.07 -1.33 -0.27
#